data_7D34
#
_entry.id   7D34
#
_cell.length_a   81.056
_cell.length_b   38.005
_cell.length_c   61.411
_cell.angle_alpha   90.00
_cell.angle_beta   90.00
_cell.angle_gamma   90.00
#
_symmetry.space_group_name_H-M   'P 21 21 2'
#
loop_
_entity.id
_entity.type
_entity.pdbx_description
1 polymer 'ATP-dependent Clp protease adapter protein CLPS1, chloroplastic'
2 non-polymer 'ACETIC ACID'
3 non-polymer PHENYLALANINE
4 non-polymer ALANINE
5 water water
#
_entity_poly.entity_id   1
_entity_poly.type   'polypeptide(L)'
_entity_poly.pdbx_seq_one_letter_code
;LAPPYRVILHNDNFNKREYVVQVLMKVIPGMTVDNAVNIMQEAHINGLAVVIVCAQADAEQHCMQLRGNGLLSSVEPDGG
GC
;
_entity_poly.pdbx_strand_id   A,B
#
# COMPACT_ATOMS: atom_id res chain seq x y z
N LEU A 1 21.42 -5.48 -10.76
CA LEU A 1 20.08 -6.02 -10.66
C LEU A 1 19.05 -5.06 -11.25
N ALA A 2 17.82 -5.55 -11.38
CA ALA A 2 16.84 -4.91 -12.24
C ALA A 2 16.06 -3.80 -11.53
N PRO A 3 15.47 -2.89 -12.30
CA PRO A 3 14.72 -1.79 -11.68
C PRO A 3 13.48 -2.32 -10.98
N PRO A 4 13.08 -1.70 -9.86
CA PRO A 4 11.92 -2.21 -9.12
C PRO A 4 10.59 -1.75 -9.69
N TYR A 5 9.63 -2.67 -9.66
CA TYR A 5 8.27 -2.43 -10.10
C TYR A 5 7.34 -2.87 -8.98
N ARG A 6 6.16 -2.27 -8.94
CA ARG A 6 5.17 -2.53 -7.90
C ARG A 6 4.07 -3.45 -8.45
N VAL A 7 3.76 -4.51 -7.70
CA VAL A 7 2.56 -5.31 -7.92
C VAL A 7 1.50 -4.79 -6.95
N ILE A 8 0.39 -4.32 -7.50
CA ILE A 8 -0.68 -3.70 -6.75
C ILE A 8 -1.89 -4.63 -6.68
N LEU A 9 -2.49 -4.69 -5.50
CA LEU A 9 -3.74 -5.39 -5.23
C LEU A 9 -4.82 -4.33 -5.02
N HIS A 10 -5.87 -4.38 -5.83
CA HIS A 10 -7.00 -3.47 -5.69
C HIS A 10 -8.17 -4.16 -5.00
N ASN A 11 -8.90 -3.38 -4.20
CA ASN A 11 -10.13 -3.87 -3.59
C ASN A 11 -11.17 -4.20 -4.67
N ASP A 12 -11.95 -5.24 -4.41
CA ASP A 12 -13.08 -5.63 -5.24
C ASP A 12 -14.20 -6.06 -4.28
N ASN A 13 -15.43 -6.08 -4.79
CA ASN A 13 -16.62 -6.40 -4.00
C ASN A 13 -17.15 -7.81 -4.27
N PHE A 14 -16.26 -8.73 -4.63
CA PHE A 14 -16.65 -10.09 -4.95
C PHE A 14 -15.93 -11.13 -4.10
N ASN A 15 -14.62 -10.98 -3.89
CA ASN A 15 -13.82 -11.96 -3.18
C ASN A 15 -13.95 -11.82 -1.67
N LYS A 16 -13.87 -12.95 -0.98
CA LYS A 16 -13.97 -12.98 0.46
C LYS A 16 -12.60 -12.69 1.06
N ARG A 17 -12.59 -12.08 2.26
CA ARG A 17 -11.30 -11.73 2.86
C ARG A 17 -10.38 -12.94 2.93
N GLU A 18 -10.89 -14.09 3.34
CA GLU A 18 -10.05 -15.27 3.51
C GLU A 18 -9.53 -15.76 2.17
N TYR A 19 -10.37 -15.71 1.13
CA TYR A 19 -9.91 -16.11 -0.20
C TYR A 19 -8.77 -15.23 -0.69
N VAL A 20 -8.92 -13.90 -0.55
CA VAL A 20 -7.85 -12.98 -0.92
C VAL A 20 -6.54 -13.40 -0.27
N VAL A 21 -6.58 -13.72 1.03
CA VAL A 21 -5.38 -14.13 1.75
C VAL A 21 -4.82 -15.42 1.15
N GLN A 22 -5.68 -16.40 0.87
CA GLN A 22 -5.18 -17.67 0.32
C GLN A 22 -4.51 -17.48 -1.03
N VAL A 23 -5.10 -16.68 -1.90
CA VAL A 23 -4.51 -16.43 -3.22
C VAL A 23 -3.13 -15.80 -3.06
N LEU A 24 -3.03 -14.77 -2.21
CA LEU A 24 -1.73 -14.13 -2.02
C LEU A 24 -0.68 -15.16 -1.61
N MET A 25 -1.03 -16.03 -0.66
CA MET A 25 -0.10 -17.05 -0.22
C MET A 25 0.26 -18.01 -1.34
N LYS A 26 -0.71 -18.31 -2.19
CA LYS A 26 -0.48 -19.28 -3.26
C LYS A 26 0.56 -18.79 -4.26
N VAL A 27 0.38 -17.58 -4.79
CA VAL A 27 1.14 -17.15 -5.96
C VAL A 27 2.38 -16.31 -5.69
N ILE A 28 2.43 -15.60 -4.56
CA ILE A 28 3.50 -14.64 -4.31
C ILE A 28 4.61 -15.35 -3.55
N PRO A 29 5.82 -15.44 -4.12
CA PRO A 29 6.94 -16.07 -3.40
C PRO A 29 7.24 -15.36 -2.08
N GLY A 30 7.51 -16.17 -1.05
CA GLY A 30 7.93 -15.70 0.25
C GLY A 30 6.82 -15.17 1.12
N MET A 31 5.57 -15.35 0.73
CA MET A 31 4.48 -14.67 1.41
C MET A 31 4.04 -15.42 2.66
N THR A 32 4.01 -14.69 3.78
CA THR A 32 3.53 -15.23 5.03
C THR A 32 2.04 -14.92 5.19
N VAL A 33 1.37 -15.70 6.02
CA VAL A 33 -0.02 -15.39 6.30
C VAL A 33 -0.14 -14.04 6.97
N ASP A 34 0.85 -13.65 7.77
CA ASP A 34 0.86 -12.35 8.44
C ASP A 34 0.90 -11.21 7.41
N ASN A 35 1.81 -11.31 6.44
CA ASN A 35 1.91 -10.30 5.38
C ASN A 35 0.64 -10.30 4.54
N ALA A 36 0.08 -11.49 4.25
CA ALA A 36 -1.10 -11.57 3.38
C ALA A 36 -2.31 -10.88 3.98
N VAL A 37 -2.53 -11.09 5.29
CA VAL A 37 -3.67 -10.46 5.92
C VAL A 37 -3.49 -8.96 5.92
N ASN A 38 -2.24 -8.49 6.10
CA ASN A 38 -1.97 -7.04 6.06
C ASN A 38 -2.34 -6.45 4.72
N ILE A 39 -1.88 -7.11 3.64
CA ILE A 39 -2.15 -6.64 2.29
C ILE A 39 -3.65 -6.61 2.03
N MET A 40 -4.33 -7.71 2.33
CA MET A 40 -5.78 -7.73 2.19
C MET A 40 -6.45 -6.59 2.99
N GLN A 41 -6.06 -6.44 4.27
CA GLN A 41 -6.59 -5.37 5.12
C GLN A 41 -6.38 -4.00 4.46
N GLU A 42 -5.18 -3.75 3.96
CA GLU A 42 -4.83 -2.44 3.42
C GLU A 42 -5.59 -2.14 2.13
N ALA A 43 -5.75 -3.12 1.26
CA ALA A 43 -6.54 -2.91 0.04
C ALA A 43 -8.00 -2.66 0.38
N HIS A 44 -8.51 -3.38 1.38
CA HIS A 44 -9.90 -3.22 1.79
C HIS A 44 -10.18 -1.83 2.34
N ILE A 45 -9.26 -1.30 3.15
CA ILE A 45 -9.44 0.00 3.78
C ILE A 45 -9.09 1.15 2.84
N ASN A 46 -8.03 1.00 2.04
CA ASN A 46 -7.51 2.10 1.25
C ASN A 46 -7.85 2.00 -0.23
N GLY A 47 -8.46 0.89 -0.67
CA GLY A 47 -8.75 0.69 -2.07
C GLY A 47 -7.65 -0.01 -2.86
N LEU A 48 -6.42 -0.01 -2.35
CA LEU A 48 -5.32 -0.68 -3.04
C LEU A 48 -4.19 -0.91 -2.05
N ALA A 49 -3.31 -1.86 -2.38
CA ALA A 49 -2.19 -2.16 -1.51
C ALA A 49 -1.04 -2.75 -2.32
N VAL A 50 0.17 -2.47 -1.88
CA VAL A 50 1.38 -2.98 -2.53
C VAL A 50 1.57 -4.41 -2.07
N VAL A 51 1.61 -5.34 -3.03
CA VAL A 51 1.78 -6.75 -2.72
C VAL A 51 3.26 -7.10 -2.56
N ILE A 52 4.08 -6.67 -3.53
CA ILE A 52 5.50 -6.97 -3.57
C ILE A 52 6.17 -5.98 -4.52
N VAL A 53 7.46 -5.74 -4.30
CA VAL A 53 8.26 -4.94 -5.21
C VAL A 53 9.31 -5.89 -5.79
N CYS A 54 9.37 -5.96 -7.11
CA CYS A 54 10.21 -6.93 -7.81
C CYS A 54 10.50 -6.38 -9.20
N ALA A 55 11.34 -7.10 -9.92
CA ALA A 55 11.59 -6.83 -11.33
C ALA A 55 10.30 -6.79 -12.14
N GLN A 56 10.39 -6.11 -13.29
CA GLN A 56 9.22 -5.87 -14.14
C GLN A 56 8.63 -7.17 -14.64
N ALA A 57 9.46 -8.07 -15.17
CA ALA A 57 8.95 -9.34 -15.67
C ALA A 57 8.24 -10.10 -14.56
N ASP A 58 8.86 -10.17 -13.38
CA ASP A 58 8.26 -10.86 -12.25
C ASP A 58 6.98 -10.17 -11.81
N ALA A 59 6.96 -8.84 -11.81
CA ALA A 59 5.74 -8.13 -11.42
C ALA A 59 4.59 -8.49 -12.34
N GLU A 60 4.84 -8.49 -13.65
CA GLU A 60 3.82 -8.88 -14.61
C GLU A 60 3.31 -10.29 -14.33
N GLN A 61 4.21 -11.22 -14.02
CA GLN A 61 3.81 -12.61 -13.77
C GLN A 61 2.85 -12.69 -12.60
N HIS A 62 3.25 -12.11 -11.47
CA HIS A 62 2.44 -12.15 -10.27
C HIS A 62 1.11 -11.45 -10.47
N CYS A 63 1.11 -10.32 -11.20
CA CYS A 63 -0.16 -9.64 -11.48
C CYS A 63 -1.10 -10.56 -12.24
N MET A 64 -0.57 -11.30 -13.21
CA MET A 64 -1.38 -12.22 -14.00
C MET A 64 -1.86 -13.39 -13.15
N GLN A 65 -1.00 -13.91 -12.29
CA GLN A 65 -1.40 -15.00 -11.41
C GLN A 65 -2.53 -14.57 -10.49
N LEU A 66 -2.45 -13.34 -9.95
CA LEU A 66 -3.54 -12.79 -9.16
C LEU A 66 -4.83 -12.70 -9.97
N ARG A 67 -4.77 -12.03 -11.12
CA ARG A 67 -5.94 -11.87 -11.97
C ARG A 67 -6.57 -13.20 -12.33
N GLY A 68 -5.74 -14.21 -12.62
CA GLY A 68 -6.27 -15.50 -13.00
C GLY A 68 -6.97 -16.19 -11.84
N ASN A 69 -6.60 -15.84 -10.61
CA ASN A 69 -7.27 -16.36 -9.44
C ASN A 69 -8.40 -15.46 -8.98
N GLY A 70 -8.77 -14.45 -9.76
CA GLY A 70 -9.97 -13.67 -9.52
C GLY A 70 -9.78 -12.31 -8.86
N LEU A 71 -8.55 -11.87 -8.66
CA LEU A 71 -8.29 -10.59 -7.99
C LEU A 71 -8.03 -9.48 -9.01
N LEU A 72 -8.17 -8.23 -8.55
CA LEU A 72 -7.86 -7.05 -9.35
C LEU A 72 -6.44 -6.59 -9.05
N SER A 73 -5.56 -6.61 -10.06
CA SER A 73 -4.14 -6.30 -9.87
C SER A 73 -3.60 -5.46 -11.03
N SER A 74 -2.66 -4.58 -10.70
CA SER A 74 -1.95 -3.77 -11.68
C SER A 74 -0.45 -3.83 -11.39
N VAL A 75 0.34 -3.48 -12.40
CA VAL A 75 1.78 -3.32 -12.24
C VAL A 75 2.15 -1.86 -12.53
N GLU A 76 3.10 -1.32 -11.77
CA GLU A 76 3.57 0.03 -12.04
C GLU A 76 5.02 0.18 -11.60
N PRO A 77 5.73 1.17 -12.16
CA PRO A 77 7.12 1.40 -11.74
C PRO A 77 7.17 1.95 -10.32
N ASP A 78 8.23 1.56 -9.60
CA ASP A 78 8.41 2.00 -8.22
C ASP A 78 9.09 3.36 -8.19
N GLY A 79 8.30 4.39 -8.46
CA GLY A 79 8.81 5.75 -8.42
C GLY A 79 7.68 6.76 -8.59
N LEU B 1 -15.52 16.49 -9.97
CA LEU B 1 -14.50 16.66 -8.93
C LEU B 1 -13.09 16.23 -9.35
N ALA B 2 -12.15 16.39 -8.43
CA ALA B 2 -10.73 16.33 -8.76
C ALA B 2 -10.23 14.89 -8.86
N PRO B 3 -9.10 14.69 -9.55
CA PRO B 3 -8.58 13.33 -9.71
C PRO B 3 -8.08 12.77 -8.41
N PRO B 4 -8.14 11.45 -8.20
CA PRO B 4 -7.64 10.86 -6.96
C PRO B 4 -6.13 10.73 -6.97
N TYR B 5 -5.53 10.98 -5.82
CA TYR B 5 -4.10 10.87 -5.66
C TYR B 5 -3.77 10.00 -4.46
N ARG B 6 -2.60 9.38 -4.52
CA ARG B 6 -2.15 8.46 -3.49
C ARG B 6 -1.15 9.17 -2.59
N VAL B 7 -1.35 9.08 -1.29
CA VAL B 7 -0.35 9.52 -0.32
C VAL B 7 0.52 8.32 -0.02
N ILE B 8 1.81 8.43 -0.31
CA ILE B 8 2.72 7.32 -0.14
C ILE B 8 3.53 7.57 1.12
N LEU B 9 3.72 6.50 1.90
CA LEU B 9 4.66 6.53 3.01
C LEU B 9 5.82 5.63 2.65
N HIS B 10 7.01 6.19 2.63
CA HIS B 10 8.24 5.44 2.43
C HIS B 10 8.87 5.17 3.78
N ASN B 11 9.65 4.09 3.84
CA ASN B 11 10.40 3.81 5.05
C ASN B 11 11.21 5.05 5.43
N ASP B 12 11.34 5.25 6.73
CA ASP B 12 12.19 6.28 7.29
C ASP B 12 12.93 5.58 8.42
N ASN B 13 14.20 5.95 8.63
CA ASN B 13 15.06 5.30 9.61
C ASN B 13 15.37 6.22 10.77
N PHE B 14 14.49 7.18 11.05
CA PHE B 14 14.75 8.14 12.12
C PHE B 14 13.68 8.12 13.20
N ASN B 15 12.42 8.28 12.82
CA ASN B 15 11.33 8.25 13.77
C ASN B 15 10.99 6.79 13.97
N LYS B 16 10.64 6.43 15.20
CA LYS B 16 10.33 5.03 15.48
C LYS B 16 8.86 4.72 15.20
N ARG B 17 8.59 3.44 14.99
CA ARG B 17 7.30 2.92 14.58
C ARG B 17 6.11 3.54 15.33
N GLU B 18 6.26 3.79 16.64
CA GLU B 18 5.10 4.30 17.37
C GLU B 18 4.76 5.73 16.94
N TYR B 19 5.78 6.59 16.83
CA TYR B 19 5.53 7.97 16.40
C TYR B 19 4.88 7.99 15.03
N VAL B 20 5.38 7.16 14.11
CA VAL B 20 4.77 7.01 12.79
C VAL B 20 3.27 6.88 12.94
N VAL B 21 2.85 5.97 13.81
CA VAL B 21 1.42 5.71 14.02
C VAL B 21 0.75 6.95 14.59
N GLN B 22 1.43 7.61 15.52
CA GLN B 22 0.94 8.85 16.10
C GLN B 22 0.62 9.86 15.00
N VAL B 23 1.57 10.03 14.07
CA VAL B 23 1.41 11.02 13.01
C VAL B 23 0.22 10.63 12.12
N LEU B 24 0.17 9.36 11.71
CA LEU B 24 -0.88 8.94 10.78
C LEU B 24 -2.26 9.29 11.33
N MET B 25 -2.54 8.91 12.58
CA MET B 25 -3.82 9.29 13.16
C MET B 25 -3.92 10.80 13.38
N LYS B 26 -2.81 11.47 13.64
CA LYS B 26 -2.86 12.91 13.89
C LYS B 26 -3.39 13.64 12.66
N VAL B 27 -2.82 13.36 11.48
CA VAL B 27 -3.09 14.19 10.32
C VAL B 27 -4.17 13.65 9.38
N ILE B 28 -4.36 12.33 9.34
CA ILE B 28 -5.21 11.70 8.32
C ILE B 28 -6.62 11.62 8.87
N PRO B 29 -7.61 12.27 8.27
CA PRO B 29 -8.99 12.13 8.75
C PRO B 29 -9.42 10.67 8.74
N GLY B 30 -10.01 10.22 9.84
CA GLY B 30 -10.54 8.87 9.95
C GLY B 30 -9.52 7.78 10.24
N MET B 31 -8.28 8.13 10.57
CA MET B 31 -7.23 7.13 10.70
C MET B 31 -7.27 6.46 12.06
N THR B 32 -7.31 5.13 12.05
CA THR B 32 -7.31 4.27 13.23
C THR B 32 -5.90 3.81 13.56
N VAL B 33 -5.72 3.41 14.82
CA VAL B 33 -4.46 2.81 15.26
C VAL B 33 -4.23 1.50 14.52
N ASP B 34 -5.30 0.76 14.24
CA ASP B 34 -5.18 -0.49 13.50
C ASP B 34 -4.65 -0.24 12.09
N ASN B 35 -5.23 0.72 11.38
CA ASN B 35 -4.77 1.03 10.03
C ASN B 35 -3.34 1.56 10.03
N ALA B 36 -3.01 2.44 10.97
CA ALA B 36 -1.70 3.07 10.98
C ALA B 36 -0.58 2.05 11.21
N VAL B 37 -0.81 1.07 12.09
CA VAL B 37 0.21 0.06 12.34
C VAL B 37 0.41 -0.81 11.10
N ASN B 38 -0.67 -1.12 10.38
CA ASN B 38 -0.52 -1.86 9.12
C ASN B 38 0.34 -1.09 8.14
N ILE B 39 0.07 0.20 7.98
CA ILE B 39 0.84 1.03 7.04
C ILE B 39 2.31 0.99 7.40
N MET B 40 2.63 1.24 8.67
CA MET B 40 4.01 1.15 9.12
C MET B 40 4.61 -0.20 8.77
N GLN B 41 3.87 -1.26 9.08
CA GLN B 41 4.37 -2.60 8.78
C GLN B 41 4.64 -2.75 7.29
N GLU B 42 3.68 -2.33 6.46
CA GLU B 42 3.79 -2.53 5.02
C GLU B 42 4.84 -1.61 4.41
N ALA B 43 4.92 -0.35 4.85
CA ALA B 43 5.98 0.52 4.35
C ALA B 43 7.34 -0.03 4.74
N HIS B 44 7.48 -0.49 5.97
CA HIS B 44 8.75 -1.07 6.43
C HIS B 44 9.07 -2.34 5.67
N ILE B 45 8.05 -3.13 5.31
CA ILE B 45 8.31 -4.40 4.65
C ILE B 45 8.63 -4.18 3.17
N ASN B 46 7.90 -3.30 2.49
CA ASN B 46 8.06 -3.13 1.05
C ASN B 46 8.76 -1.83 0.68
N GLY B 47 9.09 -0.98 1.66
CA GLY B 47 9.71 0.30 1.40
C GLY B 47 8.71 1.41 1.22
N LEU B 48 7.45 1.08 0.96
CA LEU B 48 6.43 2.09 0.73
C LEU B 48 5.08 1.43 0.92
N ALA B 49 4.11 2.24 1.29
CA ALA B 49 2.76 1.80 1.58
C ALA B 49 1.80 2.96 1.34
N VAL B 50 0.59 2.62 0.89
CA VAL B 50 -0.42 3.63 0.60
C VAL B 50 -1.08 4.06 1.91
N VAL B 51 -1.03 5.36 2.19
CA VAL B 51 -1.60 5.90 3.42
C VAL B 51 -3.09 6.17 3.24
N ILE B 52 -3.43 6.87 2.16
CA ILE B 52 -4.81 7.23 1.88
C ILE B 52 -4.89 7.64 0.42
N VAL B 53 -6.08 7.51 -0.16
CA VAL B 53 -6.34 8.03 -1.50
C VAL B 53 -7.44 9.08 -1.38
N CYS B 54 -7.19 10.26 -1.95
CA CYS B 54 -8.14 11.36 -1.81
C CYS B 54 -8.00 12.33 -2.98
N ALA B 55 -8.94 13.27 -3.07
CA ALA B 55 -8.81 14.30 -4.08
C ALA B 55 -7.42 14.94 -3.99
N GLN B 56 -6.95 15.46 -5.13
CA GLN B 56 -5.53 15.79 -5.22
C GLN B 56 -5.14 16.80 -4.15
N ALA B 57 -5.87 17.92 -4.08
CA ALA B 57 -5.54 18.97 -3.11
C ALA B 57 -5.54 18.42 -1.69
N ASP B 58 -6.57 17.67 -1.32
CA ASP B 58 -6.59 17.10 0.01
C ASP B 58 -5.38 16.21 0.23
N ALA B 59 -4.99 15.46 -0.80
CA ALA B 59 -3.81 14.61 -0.71
C ALA B 59 -2.55 15.44 -0.49
N GLU B 60 -2.35 16.46 -1.31
CA GLU B 60 -1.17 17.31 -1.15
C GLU B 60 -1.10 17.87 0.26
N GLN B 61 -2.23 18.30 0.82
CA GLN B 61 -2.25 18.83 2.18
C GLN B 61 -1.78 17.80 3.20
N HIS B 62 -2.39 16.61 3.17
CA HIS B 62 -2.06 15.58 4.15
C HIS B 62 -0.61 15.16 4.00
N CYS B 63 -0.13 15.08 2.76
CA CYS B 63 1.29 14.86 2.54
C CYS B 63 2.10 15.95 3.22
N MET B 64 1.60 17.19 3.24
CA MET B 64 2.39 18.26 3.84
C MET B 64 2.54 18.07 5.34
N GLN B 65 1.44 17.81 6.04
CA GLN B 65 1.51 17.64 7.49
C GLN B 65 2.38 16.46 7.84
N LEU B 66 2.31 15.39 7.05
CA LEU B 66 3.17 14.23 7.25
C LEU B 66 4.64 14.66 7.21
N ARG B 67 5.06 15.27 6.11
CA ARG B 67 6.45 15.72 5.98
C ARG B 67 6.82 16.68 7.13
N GLY B 68 5.89 17.54 7.51
CA GLY B 68 6.17 18.52 8.55
C GLY B 68 6.35 17.91 9.93
N ASN B 69 5.74 16.74 10.15
CA ASN B 69 5.92 15.99 11.39
C ASN B 69 7.07 14.99 11.28
N GLY B 70 7.84 15.07 10.21
CA GLY B 70 9.09 14.35 10.12
C GLY B 70 9.07 13.07 9.35
N LEU B 71 7.97 12.75 8.66
CA LEU B 71 7.86 11.51 7.92
C LEU B 71 8.07 11.77 6.45
N LEU B 72 8.56 10.76 5.76
CA LEU B 72 8.89 10.87 4.35
C LEU B 72 7.71 10.35 3.53
N SER B 73 6.96 11.27 2.92
CA SER B 73 5.79 10.84 2.18
C SER B 73 5.74 11.56 0.85
N SER B 74 5.22 10.84 -0.14
CA SER B 74 5.13 11.26 -1.52
C SER B 74 3.67 11.24 -1.95
N VAL B 75 3.40 11.99 -3.00
CA VAL B 75 2.11 11.98 -3.67
C VAL B 75 2.32 11.47 -5.09
N GLU B 76 1.36 10.68 -5.58
CA GLU B 76 1.34 10.25 -6.97
C GLU B 76 -0.11 10.10 -7.40
N PRO B 77 -0.39 10.20 -8.69
CA PRO B 77 -1.77 10.04 -9.17
C PRO B 77 -2.24 8.61 -8.97
N ASP B 78 -3.53 8.45 -8.71
CA ASP B 78 -4.05 7.11 -8.48
C ASP B 78 -4.27 6.43 -9.83
N GLY B 79 -3.20 6.02 -10.48
CA GLY B 79 -3.29 5.34 -11.76
C GLY B 79 -1.93 4.81 -12.15
#